data_7KXN
#
_entry.id   7KXN
#
_cell.length_a   72.497
_cell.length_b   103.340
_cell.length_c   38.619
_cell.angle_alpha   90.000
_cell.angle_beta   90.000
_cell.angle_gamma   90.000
#
_symmetry.space_group_name_H-M   'P 21 21 2'
#
loop_
_entity.id
_entity.type
_entity.pdbx_description
1 polymer 'Isoform BTK-C of Tyrosine-protein kinase BTK'
2 non-polymer 3-tert-butyl-N-[(1S)-6-{2-[5-methyl-1-(propan-2-yl)-1H-pyrazol-4-yl]-1H-imidazo[4,5-b]pyridin-7-yl}-1,2,3,4-tetrahydronaphthalen-1-yl]-1,2,4-oxadiazole-5-carboxamide
3 non-polymer 'DIMETHYL SULFOXIDE'
4 water water
#
_entity_poly.entity_id   1
_entity_poly.type   'polypeptide(L)'
_entity_poly.pdbx_seq_one_letter_code
;GSWEIDPKDLTFLKELGTGQFGVVKYGKWRGQYDVAIKMIKEGSMSEDEFIEEAKVMMNLSHEKLVQLYGVCTKQRPIFI
ITEYMANGCLLNYLREMRHRFQTQQLLEMCKDVCEAMEYLESKQFLHRDLAARNCLVNDQGVVKVSDFGLSRYVLDDEYT
SSVGSKFPVRWSPPEVLMYSKFSSKSDIWAFGVLMWEIYSLGKMPYERFTNSETAEHIAQGLRLYRPHLASEKVYTIMYS
CWHEKADERPTFKILLSNILDVMDEES
;
_entity_poly.pdbx_strand_id   A
#
loop_
_chem_comp.id
_chem_comp.type
_chem_comp.name
_chem_comp.formula
DMS non-polymer 'DIMETHYL SULFOXIDE' 'C2 H6 O S'
X9P non-polymer 3-tert-butyl-N-[(1S)-6-{2-[5-methyl-1-(propan-2-yl)-1H-pyrazol-4-yl]-1H-imidazo[4,5-b]pyridin-7-yl}-1,2,3,4-tetrahydronaphthalen-1-yl]-1,2,4-oxadiazole-5-carboxamide 'C30 H34 N8 O2'
#
# COMPACT_ATOMS: atom_id res chain seq x y z
N SER A 2 -21.43 16.28 2.70
CA SER A 2 -21.26 14.89 3.19
C SER A 2 -19.78 14.59 3.39
N TRP A 3 -18.95 15.10 2.49
CA TRP A 3 -17.53 14.83 2.51
C TRP A 3 -16.77 15.75 3.49
N GLU A 4 -17.38 16.87 3.88
CA GLU A 4 -16.69 17.89 4.70
C GLU A 4 -16.79 17.64 6.20
N ILE A 5 -15.64 17.63 6.86
CA ILE A 5 -15.55 17.59 8.32
C ILE A 5 -15.14 18.97 8.82
N ASP A 6 -15.73 19.39 9.93
CA ASP A 6 -15.40 20.67 10.52
C ASP A 6 -14.10 20.49 11.29
N PRO A 7 -13.04 21.20 10.90
CA PRO A 7 -11.76 20.95 11.57
C PRO A 7 -11.79 21.36 13.05
N LYS A 8 -12.77 22.16 13.46
CA LYS A 8 -12.89 22.52 14.86
C LYS A 8 -13.30 21.32 15.71
N ASP A 9 -13.82 20.27 15.06
CA ASP A 9 -14.19 19.04 15.76
C ASP A 9 -12.99 18.14 16.02
N LEU A 10 -11.83 18.57 15.57
CA LEU A 10 -10.61 17.77 15.72
C LEU A 10 -9.77 18.21 16.93
N THR A 11 -9.22 17.23 17.64
CA THR A 11 -8.25 17.45 18.69
C THR A 11 -6.98 16.72 18.32
N PHE A 12 -5.88 17.45 18.18
CA PHE A 12 -4.63 16.86 17.74
C PHE A 12 -3.83 16.39 18.94
N LEU A 13 -3.35 15.14 18.90
CA LEU A 13 -2.73 14.54 20.07
C LEU A 13 -1.27 14.11 19.88
N LYS A 14 -0.96 13.45 18.77
CA LYS A 14 0.40 13.01 18.52
CA LYS A 14 0.40 12.98 18.52
CA LYS A 14 0.39 12.95 18.52
C LYS A 14 0.75 13.02 17.04
N GLU A 15 2.04 13.13 16.75
CA GLU A 15 2.55 13.08 15.38
C GLU A 15 2.87 11.64 15.02
N LEU A 16 2.40 11.21 13.86
CA LEU A 16 2.61 9.82 13.43
C LEU A 16 3.79 9.67 12.48
N GLY A 17 4.03 10.67 11.65
CA GLY A 17 5.12 10.62 10.68
C GLY A 17 4.92 11.66 9.60
N THR A 18 5.83 11.64 8.63
CA THR A 18 5.80 12.58 7.52
C THR A 18 5.98 11.77 6.26
N GLY A 19 5.17 12.08 5.26
CA GLY A 19 5.23 11.38 3.98
C GLY A 19 5.13 12.35 2.81
N GLN A 20 4.67 11.83 1.68
CA GLN A 20 4.69 12.57 0.43
C GLN A 20 3.93 13.89 0.53
N PHE A 21 2.91 13.95 1.40
CA PHE A 21 2.06 15.13 1.48
C PHE A 21 2.32 15.89 2.76
N GLY A 22 3.38 15.53 3.50
CA GLY A 22 3.68 16.17 4.76
C GLY A 22 3.29 15.36 5.98
N VAL A 23 2.93 16.05 7.04
CA VAL A 23 2.75 15.43 8.36
C VAL A 23 1.39 14.73 8.48
N VAL A 24 1.40 13.63 9.22
CA VAL A 24 0.17 12.94 9.59
C VAL A 24 0.11 12.87 11.10
N LYS A 25 -1.05 13.19 11.66
CA LYS A 25 -1.25 13.25 13.11
C LYS A 25 -2.33 12.29 13.56
N TYR A 26 -2.22 11.85 14.82
CA TYR A 26 -3.30 11.15 15.50
C TYR A 26 -4.10 12.15 16.31
N GLY A 27 -5.41 11.98 16.30
CA GLY A 27 -6.26 12.87 17.06
C GLY A 27 -7.61 12.24 17.34
N LYS A 28 -8.49 13.05 17.91
CA LYS A 28 -9.85 12.65 18.22
C LYS A 28 -10.82 13.54 17.44
N TRP A 29 -11.94 12.94 17.05
CA TRP A 29 -13.03 13.68 16.45
C TRP A 29 -14.12 13.76 17.49
N ARG A 30 -14.53 14.98 17.81
CA ARG A 30 -15.53 15.25 18.85
C ARG A 30 -15.17 14.63 20.19
N GLY A 31 -13.89 14.70 20.53
CA GLY A 31 -13.43 14.42 21.89
C GLY A 31 -13.41 12.94 22.22
N GLN A 32 -13.74 12.11 21.24
CA GLN A 32 -14.14 10.73 21.50
C GLN A 32 -13.51 9.70 20.55
N TYR A 33 -13.60 9.94 19.23
CA TYR A 33 -13.30 8.91 18.23
C TYR A 33 -11.94 9.10 17.62
N ASP A 34 -11.15 8.04 17.61
CA ASP A 34 -9.81 8.10 17.07
C ASP A 34 -9.84 8.34 15.57
N VAL A 35 -8.98 9.24 15.11
CA VAL A 35 -8.79 9.48 13.69
C VAL A 35 -7.33 9.74 13.38
N ALA A 36 -6.93 9.50 12.14
CA ALA A 36 -5.68 10.03 11.62
C ALA A 36 -5.99 11.23 10.73
N ILE A 37 -5.08 12.20 10.75
CA ILE A 37 -5.28 13.46 10.05
C ILE A 37 -4.04 13.77 9.21
N LYS A 38 -4.17 13.68 7.89
CA LYS A 38 -3.11 14.16 7.01
C LYS A 38 -3.23 15.67 6.88
N MET A 39 -2.14 16.38 7.11
CA MET A 39 -2.13 17.81 6.88
C MET A 39 -1.37 18.05 5.58
N ILE A 40 -2.08 18.40 4.54
CA ILE A 40 -1.49 18.37 3.19
C ILE A 40 -0.65 19.63 2.95
N LYS A 41 0.66 19.46 2.89
CA LYS A 41 1.53 20.62 2.75
CA LYS A 41 1.58 20.58 2.71
C LYS A 41 1.31 21.32 1.41
N GLU A 42 1.41 22.65 1.44
CA GLU A 42 1.22 23.44 0.24
CA GLU A 42 1.22 23.45 0.24
C GLU A 42 2.18 22.98 -0.85
N GLY A 43 1.65 22.84 -2.06
CA GLY A 43 2.47 22.52 -3.21
C GLY A 43 2.63 21.04 -3.48
N SER A 44 2.22 20.21 -2.53
CA SER A 44 2.47 18.78 -2.64
C SER A 44 1.39 18.02 -3.39
N MET A 45 0.21 18.59 -3.51
CA MET A 45 -0.96 17.87 -4.01
C MET A 45 -1.72 18.69 -5.04
N SER A 46 -2.22 18.01 -6.07
CA SER A 46 -3.22 18.58 -6.96
C SER A 46 -4.58 18.60 -6.25
N GLU A 47 -4.87 19.69 -5.55
CA GLU A 47 -5.90 19.68 -4.51
C GLU A 47 -7.32 19.63 -5.07
N ASP A 48 -7.60 20.42 -6.09
CA ASP A 48 -8.94 20.45 -6.65
C ASP A 48 -9.32 19.08 -7.22
N GLU A 49 -8.37 18.44 -7.90
CA GLU A 49 -8.62 17.12 -8.44
C GLU A 49 -8.79 16.09 -7.35
N PHE A 50 -8.01 16.18 -6.30
CA PHE A 50 -8.18 15.28 -5.17
C PHE A 50 -9.56 15.47 -4.54
N ILE A 51 -9.95 16.71 -4.32
CA ILE A 51 -11.22 16.98 -3.65
C ILE A 51 -12.39 16.39 -4.44
N GLU A 52 -12.36 16.51 -5.77
CA GLU A 52 -13.39 15.89 -6.58
C GLU A 52 -13.37 14.37 -6.44
N GLU A 53 -12.18 13.78 -6.43
CA GLU A 53 -12.05 12.32 -6.28
C GLU A 53 -12.42 11.83 -4.89
N ALA A 54 -12.24 12.67 -3.88
CA ALA A 54 -12.56 12.29 -2.50
C ALA A 54 -14.01 11.85 -2.38
N LYS A 55 -14.89 12.43 -3.20
CA LYS A 55 -16.31 12.05 -3.21
C LYS A 55 -16.50 10.59 -3.64
N VAL A 56 -15.69 10.15 -4.60
CA VAL A 56 -15.71 8.76 -5.06
C VAL A 56 -15.07 7.86 -4.00
N MET A 57 -13.99 8.33 -3.38
CA MET A 57 -13.29 7.55 -2.39
C MET A 57 -14.16 7.32 -1.14
N MET A 58 -14.99 8.30 -0.80
CA MET A 58 -15.92 8.18 0.33
C MET A 58 -16.83 6.96 0.19
N ASN A 59 -17.16 6.60 -1.05
CA ASN A 59 -18.05 5.46 -1.31
C ASN A 59 -17.33 4.10 -1.31
N LEU A 60 -16.00 4.12 -1.32
CA LEU A 60 -15.22 2.90 -1.20
C LEU A 60 -15.17 2.45 0.24
N SER A 61 -15.75 1.28 0.52
CA SER A 61 -15.87 0.82 1.89
C SER A 61 -15.66 -0.68 1.97
N HIS A 62 -14.64 -1.06 2.70
CA HIS A 62 -14.31 -2.46 2.90
C HIS A 62 -13.52 -2.55 4.20
N GLU A 63 -13.73 -3.65 4.92
CA GLU A 63 -13.13 -3.84 6.23
C GLU A 63 -11.60 -3.81 6.19
N LYS A 64 -11.01 -4.14 5.04
CA LYS A 64 -9.55 -4.22 4.95
C LYS A 64 -8.96 -3.03 4.21
N LEU A 65 -9.80 -2.02 3.99
CA LEU A 65 -9.38 -0.76 3.41
C LEU A 65 -9.45 0.29 4.50
N VAL A 66 -8.38 1.06 4.68
CA VAL A 66 -8.45 2.19 5.61
C VAL A 66 -9.56 3.15 5.16
N GLN A 67 -10.48 3.43 6.06
CA GLN A 67 -11.69 4.17 5.76
C GLN A 67 -11.39 5.66 5.70
N LEU A 68 -11.77 6.30 4.61
CA LEU A 68 -11.78 7.76 4.54
C LEU A 68 -13.05 8.31 5.18
N TYR A 69 -12.89 9.12 6.23
CA TYR A 69 -14.03 9.67 6.96
C TYR A 69 -14.50 10.99 6.34
N GLY A 70 -13.56 11.76 5.79
CA GLY A 70 -13.89 13.04 5.21
C GLY A 70 -12.67 13.91 5.00
N VAL A 71 -12.92 15.15 4.55
CA VAL A 71 -11.86 16.10 4.28
C VAL A 71 -12.22 17.45 4.88
N CYS A 72 -11.20 18.28 5.08
CA CYS A 72 -11.37 19.65 5.54
C CYS A 72 -10.70 20.54 4.50
N THR A 73 -11.51 21.26 3.72
CA THR A 73 -11.00 21.92 2.51
C THR A 73 -11.24 23.44 2.48
N LYS A 74 -11.77 24.00 3.56
CA LYS A 74 -12.09 25.42 3.56
C LYS A 74 -10.86 26.29 3.72
N GLN A 75 -9.85 25.78 4.42
CA GLN A 75 -8.62 26.54 4.65
C GLN A 75 -7.40 25.65 4.43
N ARG A 76 -6.26 26.27 4.12
CA ARG A 76 -5.03 25.54 3.87
C ARG A 76 -4.17 25.56 5.12
N PRO A 77 -3.48 24.46 5.44
CA PRO A 77 -3.50 23.24 4.62
C PRO A 77 -4.79 22.47 4.75
N ILE A 78 -5.17 21.76 3.69
CA ILE A 78 -6.36 20.91 3.76
C ILE A 78 -6.05 19.67 4.57
N PHE A 79 -7.07 19.07 5.18
CA PHE A 79 -6.89 17.85 5.95
C PHE A 79 -7.58 16.68 5.26
N ILE A 80 -7.00 15.50 5.37
CA ILE A 80 -7.69 14.26 5.05
C ILE A 80 -7.84 13.45 6.33
N ILE A 81 -9.06 13.10 6.67
CA ILE A 81 -9.35 12.44 7.92
C ILE A 81 -9.69 10.98 7.66
N THR A 82 -8.97 10.08 8.31
CA THR A 82 -9.16 8.65 8.08
C THR A 82 -9.24 7.87 9.37
N GLU A 83 -9.61 6.61 9.22
CA GLU A 83 -9.46 5.60 10.25
C GLU A 83 -8.04 5.62 10.82
N TYR A 84 -7.94 5.46 12.13
CA TYR A 84 -6.68 5.40 12.82
C TYR A 84 -6.28 3.95 13.05
N MET A 85 -5.03 3.64 12.76
CA MET A 85 -4.52 2.29 12.91
C MET A 85 -3.42 2.25 13.98
N ALA A 86 -3.76 1.70 15.14
CA ALA A 86 -2.94 1.87 16.33
C ALA A 86 -1.56 1.21 16.28
N ASN A 87 -1.40 0.17 15.46
CA ASN A 87 -0.13 -0.55 15.47
C ASN A 87 0.79 -0.13 14.33
N GLY A 88 0.40 0.91 13.62
CA GLY A 88 1.31 1.60 12.71
C GLY A 88 1.44 0.97 11.34
N CYS A 89 2.55 1.31 10.70
CA CYS A 89 2.80 0.89 9.34
C CYS A 89 3.21 -0.59 9.28
N LEU A 90 2.68 -1.34 8.32
CA LEU A 90 3.01 -2.75 8.19
C LEU A 90 4.51 -2.98 8.06
N LEU A 91 5.20 -2.13 7.31
CA LEU A 91 6.63 -2.36 7.09
C LEU A 91 7.40 -2.35 8.41
N ASN A 92 7.12 -1.37 9.26
CA ASN A 92 7.76 -1.30 10.57
C ASN A 92 7.35 -2.47 11.46
N TYR A 93 6.08 -2.84 11.38
CA TYR A 93 5.52 -3.92 12.19
C TYR A 93 6.24 -5.23 11.85
N LEU A 94 6.44 -5.49 10.57
CA LEU A 94 7.16 -6.69 10.11
C LEU A 94 8.59 -6.72 10.59
N ARG A 95 9.21 -5.55 10.69
CA ARG A 95 10.62 -5.45 11.04
C ARG A 95 10.88 -5.57 12.55
N GLU A 96 9.84 -5.51 13.37
CA GLU A 96 10.00 -5.69 14.80
C GLU A 96 10.04 -7.19 15.08
N MET A 97 11.23 -7.72 15.31
CA MET A 97 11.40 -9.16 15.41
C MET A 97 10.71 -9.73 16.65
N ARG A 98 10.39 -8.91 17.65
CA ARG A 98 9.74 -9.43 18.86
C ARG A 98 8.42 -10.15 18.58
N HIS A 99 7.76 -9.81 17.48
CA HIS A 99 6.47 -10.41 17.19
C HIS A 99 6.60 -11.91 16.93
N ARG A 100 7.72 -12.32 16.36
CA ARG A 100 7.98 -13.72 16.01
C ARG A 100 6.73 -14.37 15.43
N PHE A 101 6.35 -13.84 14.28
CA PHE A 101 5.16 -14.26 13.58
C PHE A 101 5.22 -15.73 13.22
N GLN A 102 4.08 -16.37 13.31
CA GLN A 102 3.92 -17.70 12.75
CA GLN A 102 3.88 -17.71 12.77
C GLN A 102 3.51 -17.61 11.29
N THR A 103 3.80 -18.64 10.53
CA THR A 103 3.57 -18.54 9.11
C THR A 103 2.06 -18.38 8.79
N GLN A 104 1.20 -18.87 9.67
CA GLN A 104 -0.24 -18.64 9.53
C GLN A 104 -0.61 -17.14 9.66
N GLN A 105 0.06 -16.42 10.56
CA GLN A 105 -0.19 -14.99 10.70
C GLN A 105 0.28 -14.25 9.46
N LEU A 106 1.41 -14.66 8.91
CA LEU A 106 1.93 -14.02 7.71
C LEU A 106 0.95 -14.21 6.55
N LEU A 107 0.42 -15.42 6.39
CA LEU A 107 -0.50 -15.65 5.30
C LEU A 107 -1.81 -14.85 5.50
N GLU A 108 -2.22 -14.70 6.76
CA GLU A 108 -3.40 -13.90 7.07
C GLU A 108 -3.20 -12.43 6.70
N MET A 109 -1.99 -11.91 6.88
CA MET A 109 -1.72 -10.53 6.47
C MET A 109 -1.87 -10.41 4.97
N CYS A 110 -1.36 -11.40 4.24
CA CYS A 110 -1.50 -11.42 2.79
C CYS A 110 -2.96 -11.45 2.40
N LYS A 111 -3.74 -12.29 3.08
CA LYS A 111 -5.17 -12.38 2.78
C LYS A 111 -5.92 -11.08 3.05
N ASP A 112 -5.60 -10.41 4.15
CA ASP A 112 -6.19 -9.11 4.45
C ASP A 112 -6.00 -8.17 3.26
N VAL A 113 -4.75 -8.03 2.80
CA VAL A 113 -4.45 -7.14 1.69
C VAL A 113 -5.14 -7.61 0.42
N CYS A 114 -5.15 -8.91 0.19
CA CYS A 114 -5.76 -9.43 -1.03
C CYS A 114 -7.26 -9.16 -1.07
N GLU A 115 -7.93 -9.26 0.08
CA GLU A 115 -9.36 -8.95 0.15
C GLU A 115 -9.63 -7.47 -0.18
N ALA A 116 -8.78 -6.59 0.34
CA ALA A 116 -8.92 -5.18 0.03
C ALA A 116 -8.73 -4.94 -1.46
N MET A 117 -7.72 -5.59 -2.03
CA MET A 117 -7.39 -5.37 -3.43
C MET A 117 -8.42 -6.00 -4.36
N GLU A 118 -9.00 -7.14 -3.96
CA GLU A 118 -10.08 -7.71 -4.73
C GLU A 118 -11.27 -6.75 -4.78
N TYR A 119 -11.57 -6.11 -3.65
CA TYR A 119 -12.62 -5.11 -3.61
C TYR A 119 -12.31 -3.93 -4.53
N LEU A 120 -11.10 -3.39 -4.45
CA LEU A 120 -10.75 -2.28 -5.33
C LEU A 120 -10.85 -2.70 -6.79
N GLU A 121 -10.38 -3.90 -7.10
CA GLU A 121 -10.42 -4.40 -8.46
C GLU A 121 -11.85 -4.52 -8.95
N SER A 122 -12.78 -4.84 -8.05
CA SER A 122 -14.19 -4.97 -8.41
C SER A 122 -14.78 -3.63 -8.77
N LYS A 123 -14.13 -2.55 -8.31
CA LYS A 123 -14.55 -1.18 -8.59
C LYS A 123 -13.66 -0.55 -9.67
N GLN A 124 -12.82 -1.36 -10.30
CA GLN A 124 -11.88 -0.87 -11.33
CA GLN A 124 -11.88 -0.88 -11.32
C GLN A 124 -11.05 0.29 -10.79
N PHE A 125 -10.59 0.15 -9.55
CA PHE A 125 -9.85 1.20 -8.88
C PHE A 125 -8.44 0.71 -8.58
N LEU A 126 -7.43 1.36 -9.14
CA LEU A 126 -6.05 0.94 -8.89
C LEU A 126 -5.50 1.56 -7.62
N HIS A 127 -4.69 0.82 -6.89
CA HIS A 127 -3.97 1.40 -5.80
C HIS A 127 -2.85 2.31 -6.33
N ARG A 128 -2.01 1.72 -7.17
CA ARG A 128 -0.88 2.40 -7.86
C ARG A 128 0.43 2.49 -7.08
N ASP A 129 0.38 2.25 -5.76
CA ASP A 129 1.61 2.22 -4.99
C ASP A 129 1.46 1.21 -3.85
N LEU A 130 1.07 0.00 -4.21
CA LEU A 130 0.89 -1.03 -3.21
C LEU A 130 2.25 -1.55 -2.75
N ALA A 131 2.45 -1.58 -1.44
CA ALA A 131 3.71 -1.95 -0.82
C ALA A 131 3.48 -1.99 0.69
N ALA A 132 4.33 -2.67 1.43
CA ALA A 132 4.13 -2.76 2.87
C ALA A 132 4.11 -1.39 3.53
N ARG A 133 4.88 -0.44 2.99
CA ARG A 133 4.92 0.91 3.57
C ARG A 133 3.57 1.62 3.46
N ASN A 134 2.69 1.13 2.58
CA ASN A 134 1.36 1.72 2.39
C ASN A 134 0.25 0.79 2.89
N CYS A 135 0.61 -0.08 3.82
CA CYS A 135 -0.36 -0.83 4.60
C CYS A 135 -0.19 -0.49 6.06
N LEU A 136 -1.27 -0.60 6.81
CA LEU A 136 -1.28 -0.25 8.24
C LEU A 136 -1.85 -1.40 9.04
N VAL A 137 -1.63 -1.38 10.36
CA VAL A 137 -2.04 -2.48 11.23
C VAL A 137 -2.84 -1.91 12.41
N ASN A 138 -4.01 -2.50 12.68
CA ASN A 138 -4.80 -2.00 13.79
C ASN A 138 -4.47 -2.72 15.09
N ASP A 139 -5.15 -2.36 16.16
CA ASP A 139 -4.82 -2.90 17.47
C ASP A 139 -5.10 -4.39 17.61
N GLN A 140 -5.86 -4.96 16.69
CA GLN A 140 -6.11 -6.40 16.66
C GLN A 140 -5.17 -7.17 15.71
N GLY A 141 -4.26 -6.46 15.05
CA GLY A 141 -3.29 -7.10 14.16
C GLY A 141 -3.81 -7.29 12.76
N VAL A 142 -4.96 -6.71 12.45
CA VAL A 142 -5.50 -6.76 11.11
C VAL A 142 -4.77 -5.74 10.24
N VAL A 143 -4.39 -6.16 9.04
CA VAL A 143 -3.73 -5.29 8.09
C VAL A 143 -4.75 -4.66 7.16
N LYS A 144 -4.60 -3.38 6.91
CA LYS A 144 -5.46 -2.68 5.96
C LYS A 144 -4.64 -1.85 5.00
N VAL A 145 -5.19 -1.65 3.81
CA VAL A 145 -4.50 -0.98 2.72
C VAL A 145 -4.84 0.51 2.80
N SER A 146 -3.82 1.34 2.63
CA SER A 146 -3.89 2.76 2.84
C SER A 146 -3.49 3.54 1.60
N ASP A 147 -4.10 4.71 1.42
CA ASP A 147 -3.67 5.70 0.43
C ASP A 147 -3.77 5.21 -1.01
N PHE A 148 -4.77 4.37 -1.23
CA PHE A 148 -5.08 3.89 -2.55
C PHE A 148 -5.48 5.03 -3.47
N GLY A 149 -4.89 5.08 -4.65
CA GLY A 149 -5.28 6.06 -5.65
C GLY A 149 -4.61 7.42 -5.53
N LEU A 150 -4.04 7.73 -4.37
CA LEU A 150 -3.58 9.09 -4.10
C LEU A 150 -2.37 9.49 -4.92
N SER A 151 -1.68 8.51 -5.51
CA SER A 151 -0.52 8.80 -6.36
C SER A 151 -0.87 9.75 -7.49
N ARG A 152 -2.12 9.68 -7.93
CA ARG A 152 -2.60 10.52 -9.03
C ARG A 152 -2.52 12.01 -8.73
N TYR A 153 -2.45 12.37 -7.44
CA TYR A 153 -2.53 13.79 -7.04
C TYR A 153 -1.21 14.31 -6.47
N VAL A 154 -0.16 13.49 -6.57
CA VAL A 154 1.17 13.91 -6.13
C VAL A 154 1.83 14.82 -7.16
N LEU A 155 2.36 15.98 -6.72
CA LEU A 155 2.95 16.94 -7.66
C LEU A 155 4.48 16.83 -7.88
N ASP A 156 5.10 15.91 -7.17
CA ASP A 156 6.55 15.74 -7.09
C ASP A 156 7.07 14.84 -8.22
N ASP A 157 7.85 15.40 -9.14
CA ASP A 157 8.39 14.61 -10.27
C ASP A 157 9.33 13.49 -9.81
N GLU A 158 9.98 13.65 -8.67
CA GLU A 158 10.86 12.60 -8.17
C GLU A 158 10.06 11.34 -7.78
N TYR A 159 8.81 11.51 -7.41
CA TYR A 159 7.92 10.39 -7.10
C TYR A 159 7.30 9.80 -8.37
N THR A 160 6.83 10.67 -9.26
CA THR A 160 6.05 10.24 -10.40
C THR A 160 6.90 9.66 -11.53
N SER A 161 8.01 10.31 -11.84
CA SER A 161 8.85 9.88 -12.95
C SER A 161 9.41 8.48 -12.70
N SER A 162 9.42 7.63 -13.73
CA SER A 162 9.97 6.28 -13.57
C SER A 162 11.45 6.25 -13.23
N VAL A 163 12.16 7.34 -13.54
CA VAL A 163 13.58 7.46 -13.21
C VAL A 163 13.77 8.39 -12.01
N GLY A 164 12.68 8.70 -11.32
CA GLY A 164 12.73 9.57 -10.16
C GLY A 164 13.25 8.85 -8.94
N SER A 165 13.78 9.61 -7.98
CA SER A 165 14.43 9.02 -6.82
C SER A 165 13.42 8.31 -5.91
N LYS A 166 12.16 8.71 -5.99
CA LYS A 166 11.14 8.22 -5.08
C LYS A 166 10.17 7.26 -5.74
N PHE A 167 10.39 6.96 -7.02
CA PHE A 167 9.50 6.06 -7.75
C PHE A 167 9.67 4.64 -7.22
N PRO A 168 8.55 3.88 -7.12
CA PRO A 168 8.61 2.52 -6.57
C PRO A 168 9.10 1.46 -7.57
N VAL A 169 10.36 1.59 -7.98
CA VAL A 169 10.95 0.69 -8.96
C VAL A 169 10.83 -0.77 -8.55
N ARG A 170 11.12 -1.05 -7.28
CA ARG A 170 11.18 -2.44 -6.81
C ARG A 170 9.82 -3.10 -6.68
N TRP A 171 8.76 -2.33 -6.89
CA TRP A 171 7.39 -2.85 -6.84
C TRP A 171 6.73 -2.82 -8.22
N SER A 172 7.51 -2.59 -9.26
CA SER A 172 6.97 -2.31 -10.59
C SER A 172 7.25 -3.42 -11.59
N PRO A 173 6.25 -3.76 -12.39
CA PRO A 173 6.46 -4.74 -13.44
C PRO A 173 7.21 -4.17 -14.63
N PRO A 174 7.69 -5.04 -15.54
CA PRO A 174 8.48 -4.58 -16.67
C PRO A 174 7.78 -3.53 -17.51
N GLU A 175 6.48 -3.69 -17.74
CA GLU A 175 5.77 -2.76 -18.62
C GLU A 175 5.58 -1.36 -17.99
N VAL A 176 5.64 -1.28 -16.66
CA VAL A 176 5.71 0.02 -15.98
C VAL A 176 7.10 0.62 -16.11
N LEU A 177 8.14 -0.19 -15.89
CA LEU A 177 9.50 0.32 -16.00
C LEU A 177 9.81 0.77 -17.42
N MET A 178 9.28 0.06 -18.41
CA MET A 178 9.61 0.33 -19.79
C MET A 178 8.70 1.38 -20.44
N TYR A 179 7.40 1.29 -20.18
CA TYR A 179 6.43 2.13 -20.87
C TYR A 179 5.53 2.91 -19.93
N SER A 180 5.75 2.78 -18.63
CA SER A 180 4.90 3.40 -17.62
C SER A 180 3.43 3.02 -17.86
N LYS A 181 3.20 1.75 -18.18
CA LYS A 181 1.87 1.19 -18.48
C LYS A 181 1.29 0.59 -17.20
N PHE A 182 0.51 1.40 -16.47
CA PHE A 182 -0.16 0.94 -15.26
C PHE A 182 -1.51 0.28 -15.58
N SER A 183 -1.85 -0.77 -14.84
CA SER A 183 -3.11 -1.49 -15.02
C SER A 183 -3.42 -2.28 -13.77
N SER A 184 -4.53 -3.03 -13.81
CA SER A 184 -4.81 -3.98 -12.75
C SER A 184 -3.60 -4.87 -12.50
N LYS A 185 -2.89 -5.19 -13.59
CA LYS A 185 -1.82 -6.17 -13.54
C LYS A 185 -0.53 -5.60 -12.96
N SER A 186 -0.40 -4.27 -12.92
CA SER A 186 0.72 -3.71 -12.18
C SER A 186 0.46 -3.71 -10.67
N ASP A 187 -0.81 -3.55 -10.26
CA ASP A 187 -1.17 -3.78 -8.85
C ASP A 187 -0.92 -5.25 -8.47
N ILE A 188 -1.21 -6.18 -9.39
CA ILE A 188 -0.96 -7.60 -9.12
C ILE A 188 0.54 -7.86 -8.88
N TRP A 189 1.39 -7.31 -9.72
CA TRP A 189 2.82 -7.47 -9.56
C TRP A 189 3.26 -6.94 -8.20
N ALA A 190 2.81 -5.73 -7.87
CA ALA A 190 3.17 -5.11 -6.60
C ALA A 190 2.69 -5.95 -5.42
N PHE A 191 1.49 -6.52 -5.52
CA PHE A 191 0.99 -7.41 -4.48
C PHE A 191 1.92 -8.60 -4.24
N GLY A 192 2.43 -9.16 -5.31
CA GLY A 192 3.39 -10.25 -5.16
C GLY A 192 4.63 -9.80 -4.40
N VAL A 193 5.13 -8.61 -4.74
CA VAL A 193 6.28 -8.08 -3.99
C VAL A 193 5.91 -7.82 -2.53
N LEU A 194 4.70 -7.36 -2.28
CA LEU A 194 4.23 -7.20 -0.92
C LEU A 194 4.17 -8.52 -0.17
N MET A 195 3.67 -9.58 -0.80
CA MET A 195 3.72 -10.89 -0.17
C MET A 195 5.15 -11.25 0.19
N TRP A 196 6.07 -10.97 -0.73
CA TRP A 196 7.47 -11.24 -0.48
C TRP A 196 7.97 -10.43 0.73
N GLU A 197 7.56 -9.16 0.82
CA GLU A 197 7.95 -8.31 1.94
C GLU A 197 7.45 -8.89 3.25
N ILE A 198 6.21 -9.38 3.25
CA ILE A 198 5.61 -9.93 4.46
C ILE A 198 6.39 -11.15 4.89
N TYR A 199 6.63 -12.08 3.96
CA TYR A 199 7.35 -13.28 4.32
C TYR A 199 8.83 -13.07 4.60
N SER A 200 9.38 -11.95 4.14
CA SER A 200 10.75 -11.56 4.42
C SER A 200 10.88 -10.66 5.64
N LEU A 201 9.77 -10.44 6.33
CA LEU A 201 9.76 -9.58 7.52
C LEU A 201 10.32 -8.18 7.20
N GLY A 202 9.94 -7.65 6.06
CA GLY A 202 10.18 -6.26 5.76
C GLY A 202 11.56 -5.95 5.23
N LYS A 203 12.31 -6.95 4.77
CA LYS A 203 13.52 -6.68 4.02
CA LYS A 203 13.53 -6.69 4.01
C LYS A 203 13.16 -5.88 2.78
N MET A 204 14.13 -5.12 2.28
CA MET A 204 14.00 -4.43 1.00
CA MET A 204 13.96 -4.45 1.00
C MET A 204 14.07 -5.45 -0.15
N PRO A 205 13.10 -5.41 -1.08
CA PRO A 205 13.22 -6.27 -2.24
C PRO A 205 14.48 -5.93 -3.03
N TYR A 206 15.19 -6.96 -3.48
CA TYR A 206 16.43 -6.79 -4.23
C TYR A 206 17.43 -5.96 -3.44
N GLU A 207 17.61 -6.30 -2.16
CA GLU A 207 18.32 -5.43 -1.22
C GLU A 207 19.78 -5.16 -1.62
N ARG A 208 20.37 -6.00 -2.47
CA ARG A 208 21.76 -5.79 -2.84
C ARG A 208 21.93 -4.95 -4.13
N PHE A 209 20.82 -4.62 -4.78
CA PHE A 209 20.83 -3.85 -6.02
C PHE A 209 20.36 -2.42 -5.77
N THR A 210 20.81 -1.51 -6.62
CA THR A 210 20.16 -0.21 -6.76
C THR A 210 18.87 -0.33 -7.53
N ASN A 211 18.10 0.74 -7.54
CA ASN A 211 16.90 0.80 -8.38
C ASN A 211 17.24 0.56 -9.85
N SER A 212 18.30 1.22 -10.32
CA SER A 212 18.71 1.09 -11.72
CA SER A 212 18.71 1.09 -11.72
CA SER A 212 18.71 1.09 -11.72
C SER A 212 19.05 -0.36 -12.06
N GLU A 213 19.81 -1.02 -11.19
CA GLU A 213 20.17 -2.42 -11.38
C GLU A 213 18.94 -3.34 -11.30
N THR A 214 18.05 -3.05 -10.38
CA THR A 214 16.83 -3.81 -10.27
C THR A 214 16.04 -3.75 -11.58
N ALA A 215 15.88 -2.56 -12.14
CA ALA A 215 15.16 -2.41 -13.39
C ALA A 215 15.77 -3.24 -14.51
N GLU A 216 17.09 -3.22 -14.62
CA GLU A 216 17.79 -3.99 -15.65
CA GLU A 216 17.77 -3.98 -15.66
C GLU A 216 17.59 -5.49 -15.42
N HIS A 217 17.70 -5.90 -14.17
CA HIS A 217 17.63 -7.31 -13.86
C HIS A 217 16.24 -7.88 -14.09
N ILE A 218 15.19 -7.15 -13.75
CA ILE A 218 13.86 -7.70 -13.95
C ILE A 218 13.48 -7.69 -15.44
N ALA A 219 14.02 -6.77 -16.21
CA ALA A 219 13.84 -6.80 -17.67
C ALA A 219 14.51 -8.04 -18.26
N GLN A 220 15.61 -8.47 -17.65
CA GLN A 220 16.30 -9.67 -18.11
C GLN A 220 15.69 -10.96 -17.57
N GLY A 221 14.63 -10.84 -16.77
CA GLY A 221 13.92 -12.00 -16.26
C GLY A 221 14.27 -12.43 -14.84
N LEU A 222 15.20 -11.73 -14.19
CA LEU A 222 15.53 -12.00 -12.80
C LEU A 222 14.25 -11.81 -11.97
N ARG A 223 14.12 -12.58 -10.91
CA ARG A 223 13.00 -12.41 -9.98
C ARG A 223 13.51 -12.46 -8.57
N LEU A 224 12.70 -11.97 -7.64
CA LEU A 224 12.89 -12.28 -6.23
C LEU A 224 12.84 -13.77 -6.04
N TYR A 225 13.46 -14.25 -4.96
CA TYR A 225 13.39 -15.67 -4.67
C TYR A 225 12.78 -15.94 -3.30
N ARG A 226 12.65 -17.21 -2.96
CA ARG A 226 11.76 -17.62 -1.88
C ARG A 226 12.28 -17.15 -0.53
N PRO A 227 11.44 -16.40 0.21
CA PRO A 227 11.84 -16.07 1.58
C PRO A 227 11.91 -17.33 2.45
N HIS A 228 12.77 -17.30 3.45
CA HIS A 228 12.96 -18.44 4.32
C HIS A 228 11.66 -18.92 4.94
N LEU A 229 10.79 -17.98 5.31
CA LEU A 229 9.57 -18.34 6.02
C LEU A 229 8.43 -18.77 5.11
N ALA A 230 8.63 -18.64 3.80
CA ALA A 230 7.58 -18.98 2.84
C ALA A 230 7.68 -20.43 2.42
N SER A 231 6.56 -21.17 2.49
CA SER A 231 6.51 -22.52 1.95
C SER A 231 6.53 -22.46 0.42
N GLU A 232 6.74 -23.62 -0.21
CA GLU A 232 6.71 -23.69 -1.66
C GLU A 232 5.35 -23.25 -2.19
N LYS A 233 4.28 -23.63 -1.51
CA LYS A 233 2.93 -23.26 -1.95
C LYS A 233 2.73 -21.75 -1.90
N VAL A 234 3.23 -21.12 -0.84
CA VAL A 234 3.11 -19.67 -0.72
C VAL A 234 3.94 -18.99 -1.80
N TYR A 235 5.16 -19.49 -2.00
CA TYR A 235 6.06 -18.92 -2.99
C TYR A 235 5.46 -19.01 -4.39
N THR A 236 4.78 -20.11 -4.69
CA THR A 236 4.11 -20.24 -5.97
C THR A 236 3.11 -19.11 -6.19
N ILE A 237 2.37 -18.75 -5.15
CA ILE A 237 1.40 -17.66 -5.27
C ILE A 237 2.09 -16.32 -5.55
N MET A 238 3.11 -15.98 -4.79
CA MET A 238 3.74 -14.69 -5.03
C MET A 238 4.41 -14.67 -6.40
N TYR A 239 5.00 -15.81 -6.79
CA TYR A 239 5.72 -15.87 -8.06
C TYR A 239 4.77 -15.72 -9.24
N SER A 240 3.53 -16.17 -9.10
CA SER A 240 2.53 -16.06 -10.16
C SER A 240 2.20 -14.60 -10.50
N CYS A 241 2.46 -13.71 -9.55
CA CYS A 241 2.24 -12.28 -9.77
C CYS A 241 3.29 -11.65 -10.68
N TRP A 242 4.36 -12.38 -10.96
CA TRP A 242 5.52 -11.80 -11.65
C TRP A 242 5.71 -12.32 -13.07
N HIS A 243 4.67 -12.85 -13.65
CA HIS A 243 4.74 -13.24 -15.06
CA HIS A 243 4.77 -13.25 -15.03
C HIS A 243 5.16 -12.05 -15.90
N GLU A 244 6.09 -12.27 -16.82
CA GLU A 244 6.54 -11.21 -17.70
C GLU A 244 5.38 -10.59 -18.47
N LYS A 245 4.49 -11.43 -18.95
CA LYS A 245 3.33 -10.96 -19.69
C LYS A 245 2.21 -10.63 -18.71
N ALA A 246 1.73 -9.39 -18.76
CA ALA A 246 0.76 -8.90 -17.80
C ALA A 246 -0.53 -9.74 -17.81
N ASP A 247 -0.98 -10.13 -18.98
CA ASP A 247 -2.24 -10.86 -19.13
C ASP A 247 -2.18 -12.29 -18.57
N GLU A 248 -0.99 -12.78 -18.24
CA GLU A 248 -0.84 -14.09 -17.65
C GLU A 248 -0.81 -14.03 -16.12
N ARG A 249 -0.84 -12.84 -15.57
CA ARG A 249 -0.89 -12.67 -14.13
C ARG A 249 -2.33 -12.89 -13.67
N PRO A 250 -2.50 -13.43 -12.46
CA PRO A 250 -3.84 -13.69 -11.94
C PRO A 250 -4.59 -12.40 -11.65
N THR A 251 -5.88 -12.53 -11.38
CA THR A 251 -6.67 -11.45 -10.77
C THR A 251 -6.56 -11.56 -9.26
N PHE A 252 -7.03 -10.53 -8.54
CA PHE A 252 -7.08 -10.59 -7.09
C PHE A 252 -8.08 -11.63 -6.58
N LYS A 253 -9.14 -11.88 -7.34
CA LYS A 253 -10.08 -12.92 -6.96
C LYS A 253 -9.40 -14.30 -6.98
N ILE A 254 -8.63 -14.55 -8.03
CA ILE A 254 -7.91 -15.81 -8.17
C ILE A 254 -6.84 -15.93 -7.07
N LEU A 255 -6.09 -14.87 -6.83
CA LEU A 255 -5.13 -14.87 -5.74
C LEU A 255 -5.78 -15.18 -4.40
N LEU A 256 -6.93 -14.58 -4.15
CA LEU A 256 -7.62 -14.80 -2.89
C LEU A 256 -7.98 -16.27 -2.72
N SER A 257 -8.53 -16.85 -3.78
CA SER A 257 -8.87 -18.27 -3.80
C SER A 257 -7.63 -19.13 -3.54
N ASN A 258 -6.50 -18.77 -4.14
CA ASN A 258 -5.27 -19.52 -3.94
C ASN A 258 -4.75 -19.39 -2.49
N ILE A 259 -4.82 -18.19 -1.93
CA ILE A 259 -4.39 -17.97 -0.55
C ILE A 259 -5.26 -18.76 0.42
N LEU A 260 -6.56 -18.76 0.20
CA LEU A 260 -7.47 -19.53 1.05
C LEU A 260 -7.20 -21.02 0.96
N ASP A 261 -6.91 -21.51 -0.25
CA ASP A 261 -6.58 -22.92 -0.43
C ASP A 261 -5.31 -23.28 0.34
N VAL A 262 -4.29 -22.42 0.28
CA VAL A 262 -3.05 -22.68 1.03
C VAL A 262 -3.25 -22.60 2.54
N MET A 263 -4.11 -21.69 3.01
CA MET A 263 -4.44 -21.67 4.43
C MET A 263 -5.05 -23.00 4.85
N ASP A 264 -5.94 -23.55 4.02
CA ASP A 264 -6.59 -24.82 4.35
C ASP A 264 -5.60 -25.99 4.31
N GLU A 265 -4.58 -25.87 3.46
CA GLU A 265 -3.60 -26.94 3.30
C GLU A 265 -2.49 -26.88 4.35
N GLU A 266 -2.23 -25.68 4.87
CA GLU A 266 -1.09 -25.42 5.74
C GLU A 266 -1.58 -24.70 6.99
N SER A 267 -2.07 -25.46 7.95
CA SER A 267 -2.66 -24.90 9.18
C SER A 267 -2.34 -25.76 10.40
C2 X9P B . 1.49 9.21 3.57
C4 X9P B . 2.53 7.99 5.49
C6 X9P B . 3.55 8.98 5.96
C7 X9P B . 4.00 8.53 7.35
C8 X9P B . 2.81 8.66 8.31
C11 X9P B . -0.55 7.14 8.35
C12 X9P B . -0.72 6.89 6.98
C15 X9P B . -1.50 6.68 9.29
C16 X9P B . -2.85 6.61 8.94
C17 X9P B . -3.77 6.02 9.81
C19 X9P B . -2.04 5.52 11.30
C21 X9P B . -0.11 5.27 12.21
N22 X9P B . 0.07 5.93 11.06
C23 X9P B . -1.13 6.06 10.45
C24 X9P B . 0.82 4.99 13.15
C30 X9P B . 4.34 3.80 15.77
C31 X9P B . 2.16 5.11 13.08
C32 X9P B . 3.00 5.53 11.89
C33 X9P B . 1.13 9.13 2.27
C35 X9P B . 1.01 8.58 0.14
C38 X9P B . 1.34 7.96 -1.23
C39 X9P B . 2.79 8.29 -1.59
C40 X9P B . 1.16 6.45 -1.17
C41 X9P B . 0.41 8.52 -2.30
N34 X9P B . 1.71 8.40 1.30
N36 X9P B . -0.06 9.36 0.34
O37 X9P B . 0.01 9.74 1.79
O1 X9P B . 1.03 10.08 4.32
N3 X9P B . 2.18 8.17 4.06
C9 X9P B . 1.66 8.04 7.80
C10 X9P B . 0.65 7.72 8.73
C14 X9P B . 1.46 7.84 6.42
C13 X9P B . 0.27 7.23 6.04
N18 X9P B . -3.35 5.46 11.00
N20 X9P B . -1.41 5.01 12.37
C25 X9P B . 0.53 4.61 14.39
N26 X9P B . 1.66 4.45 15.07
N27 X9P B . 2.67 4.73 14.24
C28 X9P B . 4.08 4.78 14.64
C29 X9P B . 4.42 6.21 15.11
S DMS C . 16.98 -12.37 13.88
O DMS C . 17.33 -11.15 13.13
C1 DMS C . 16.70 -11.98 15.51
C2 DMS C . 15.43 -12.88 13.40
S DMS D . 8.18 -21.21 -9.50
O DMS D . 7.46 -20.96 -8.22
C1 DMS D . 9.10 -19.83 -9.87
C2 DMS D . 9.44 -22.31 -9.18
#